data_5LUX
#
_entry.id   5LUX
#
_cell.length_a   64.650
_cell.length_b   45.555
_cell.length_c   116.499
_cell.angle_alpha   90.000
_cell.angle_beta   93.790
_cell.angle_gamma   90.000
#
_symmetry.space_group_name_H-M   'I 1 2 1'
#
loop_
_entity.id
_entity.type
_entity.pdbx_description
1 polymer "DNA (5'-D(P*TP*TP*GP*TP*GP*TP*TP*TP*TP*AP*(5CM)P*GP*AP*CP*CP*TP*C)-3')"
2 polymer 'Homeobox protein CDX-1'
3 polymer "DNA (5'-D(P*TP*TP*GP*TP*GP*TP*TP*TP*TP*AP*(5CM)P*GP*AP*CP*CP*TP*CP*C)-3')"
4 polymer "DNA (5'-D(P*GP*AP*GP*GP*TP*(5CM)P*GP*TP*AP*AP*AP*AP*CP*AP*CP*AP*A)-3')"
5 polymer "DNA (5'-D(P*GP*GP*AP*GP*GP*TP*(5CM)P*GP*TP*AP*AP*AP*AP*CP*AP*CP*AP*A)-3')"
6 water water
#
loop_
_entity_poly.entity_id
_entity_poly.type
_entity_poly.pdbx_seq_one_letter_code
_entity_poly.pdbx_strand_id
1 'polydeoxyribonucleotide' (DT)(DT)(DG)(DT)(DG)(DT)(DT)(DT)(DT)(DA)(5CM)(DG)(DA)(DC)(DC)(DT)(DC) A
2 'polypeptide(L)' TKDKYRVVYTDHQRLELEKEFHYSRYITIRRKSELAANLGLTERQVKIWFQNRRAKERKVNKK K,L
3 'polydeoxyribonucleotide' (DT)(DT)(DG)(DT)(DG)(DT)(DT)(DT)(DT)(DA)(5CM)(DG)(DA)(DC)(DC)(DT)(DC)(DC) B
4 'polydeoxyribonucleotide' (DG)(DA)(DG)(DG)(DT)(5CM)(DG)(DT)(DA)(DA)(DA)(DA)(DC)(DA)(DC)(DA)(DA) F
5 'polydeoxyribonucleotide' (DG)(DG)(DA)(DG)(DG)(DT)(5CM)(DG)(DT)(DA)(DA)(DA)(DA)(DC)(DA)(DC)(DA)(DA) E
#
# COMPACT_ATOMS: atom_id res chain seq x y z
N THR B 1 9.55 1.62 24.71
CA THR B 1 10.52 0.98 23.78
C THR B 1 10.07 -0.44 23.46
N LYS B 2 10.65 -1.00 22.38
CA LYS B 2 10.14 -2.19 21.67
C LYS B 2 11.24 -3.24 21.34
N ASP B 3 11.74 -4.07 22.27
CA ASP B 3 13.07 -4.66 21.96
C ASP B 3 13.46 -6.17 21.95
N LYS B 4 13.59 -6.72 20.75
CA LYS B 4 14.37 -7.92 20.46
C LYS B 4 14.05 -8.33 19.01
N TYR B 5 14.68 -7.81 17.96
CA TYR B 5 15.26 -6.46 17.80
C TYR B 5 14.52 -5.65 16.75
N ARG B 6 13.88 -6.33 15.77
CA ARG B 6 12.75 -5.80 15.01
C ARG B 6 11.79 -6.90 14.53
N VAL B 7 10.51 -6.58 14.58
CA VAL B 7 9.41 -7.43 14.15
C VAL B 7 9.12 -7.24 12.67
N VAL B 8 8.59 -8.24 11.99
CA VAL B 8 8.08 -8.07 10.61
C VAL B 8 6.59 -7.88 10.69
N TYR B 9 6.06 -6.86 10.05
CA TYR B 9 4.62 -6.66 10.13
C TYR B 9 3.94 -7.49 9.08
N THR B 10 2.79 -8.03 9.41
CA THR B 10 2.02 -8.86 8.47
C THR B 10 1.53 -8.05 7.27
N ASP B 11 1.41 -8.72 6.14
CA ASP B 11 0.87 -8.13 4.93
C ASP B 11 -0.46 -7.34 5.17
N HIS B 12 -1.31 -7.87 6.03
CA HIS B 12 -2.56 -7.18 6.44
C HIS B 12 -2.26 -5.92 7.22
N GLN B 13 -1.37 -6.02 8.17
CA GLN B 13 -1.01 -4.85 8.96
C GLN B 13 -0.48 -3.78 8.05
N ARG B 14 0.44 -4.14 7.18
CA ARG B 14 0.93 -3.12 6.22
C ARG B 14 -0.20 -2.51 5.36
N LEU B 15 -1.11 -3.34 4.89
CA LEU B 15 -2.15 -2.87 4.00
C LEU B 15 -2.99 -1.75 4.61
N GLU B 16 -3.51 -2.03 5.79
CA GLU B 16 -4.23 -1.02 6.58
C GLU B 16 -3.44 0.28 6.76
N LEU B 17 -2.17 0.13 7.11
CA LEU B 17 -1.33 1.30 7.30
C LEU B 17 -1.16 2.09 6.02
N GLU B 18 -0.86 1.41 4.92
CA GLU B 18 -0.86 2.13 3.60
C GLU B 18 -2.17 2.84 3.29
N LYS B 19 -3.29 2.16 3.55
CA LYS B 19 -4.61 2.75 3.28
C LYS B 19 -4.79 4.05 4.06
N GLU B 20 -4.64 3.90 5.37
CA GLU B 20 -4.65 5.05 6.26
C GLU B 20 -3.68 6.18 5.84
N PHE B 21 -2.50 5.79 5.42
CA PHE B 21 -1.53 6.76 4.92
C PHE B 21 -2.09 7.48 3.74
N HIS B 22 -2.76 6.78 2.83
CA HIS B 22 -3.39 7.48 1.69
C HIS B 22 -4.52 8.37 2.15
N TYR B 23 -5.26 7.96 3.18
CA TYR B 23 -6.28 8.85 3.76
C TYR B 23 -5.61 10.15 4.28
N SER B 24 -4.54 10.06 5.06
CA SER B 24 -3.79 11.29 5.44
C SER B 24 -2.36 10.98 5.82
N ARG B 25 -1.43 11.85 5.43
CA ARG B 25 0.03 11.75 5.64
C ARG B 25 0.48 11.66 7.12
N TYR B 26 -0.30 12.31 7.98
CA TYR B 26 0.01 12.51 9.38
C TYR B 26 -1.19 12.03 10.11
N ILE B 27 -0.95 11.15 11.05
CA ILE B 27 -2.03 10.46 11.70
C ILE B 27 -2.35 11.21 12.98
N THR B 28 -3.61 11.18 13.38
CA THR B 28 -4.10 11.92 14.53
C THR B 28 -3.90 11.03 15.68
N ILE B 29 -3.88 11.62 16.85
CA ILE B 29 -3.72 10.82 18.08
C ILE B 29 -4.91 9.85 18.24
N ARG B 30 -6.11 10.30 17.85
CA ARG B 30 -7.30 9.45 17.86
C ARG B 30 -7.09 8.27 16.91
N ARG B 31 -6.93 8.58 15.63
CA ARG B 31 -6.72 7.54 14.60
C ARG B 31 -5.63 6.56 15.00
N LYS B 32 -4.49 7.10 15.42
CA LYS B 32 -3.37 6.29 15.89
C LYS B 32 -3.87 5.24 16.85
N SER B 33 -4.65 5.70 17.80
CA SER B 33 -5.16 4.77 18.82
C SER B 33 -6.15 3.69 18.22
N GLU B 34 -6.99 4.11 17.26
CA GLU B 34 -7.90 3.15 16.56
C GLU B 34 -7.03 2.08 15.88
N LEU B 35 -6.27 2.55 14.91
CA LEU B 35 -5.36 1.72 14.14
C LEU B 35 -4.55 0.78 14.98
N ALA B 36 -3.87 1.29 16.01
CA ALA B 36 -3.05 0.33 16.84
C ALA B 36 -3.93 -0.82 17.35
N ALA B 37 -5.08 -0.42 17.88
CA ALA B 37 -5.98 -1.37 18.53
C ALA B 37 -6.47 -2.38 17.49
N ASN B 38 -6.88 -1.92 16.32
CA ASN B 38 -7.38 -2.86 15.32
C ASN B 38 -6.24 -3.69 14.71
N LEU B 39 -5.02 -3.19 14.70
CA LEU B 39 -3.95 -3.91 13.99
C LEU B 39 -3.06 -4.75 14.84
N GLY B 40 -3.15 -4.62 16.16
CA GLY B 40 -2.35 -5.46 17.05
C GLY B 40 -0.91 -4.98 17.00
N LEU B 41 -0.73 -3.68 17.15
CA LEU B 41 0.57 -3.05 17.30
C LEU B 41 0.38 -2.04 18.36
N THR B 42 1.47 -1.46 18.79
CA THR B 42 1.39 -0.34 19.69
C THR B 42 1.27 1.05 19.01
N GLU B 43 0.72 1.99 19.76
CA GLU B 43 0.55 3.33 19.31
C GLU B 43 1.89 3.87 18.87
N ARG B 44 2.92 3.51 19.63
CA ARG B 44 4.27 3.99 19.31
C ARG B 44 4.73 3.42 18.00
N GLN B 45 4.47 2.14 17.81
CA GLN B 45 4.86 1.49 16.55
C GLN B 45 4.14 2.15 15.37
N VAL B 46 2.88 2.46 15.58
CA VAL B 46 2.16 3.10 14.50
C VAL B 46 2.73 4.46 14.26
N LYS B 47 3.02 5.22 15.31
CA LYS B 47 3.69 6.52 15.13
C LYS B 47 4.92 6.43 14.27
N ILE B 48 5.76 5.52 14.72
CA ILE B 48 7.08 5.34 14.15
C ILE B 48 6.95 4.93 12.73
N TRP B 49 6.01 4.05 12.45
CA TRP B 49 5.91 3.51 11.07
C TRP B 49 5.58 4.64 10.14
N PHE B 50 4.70 5.54 10.60
CA PHE B 50 4.33 6.69 9.81
C PHE B 50 5.52 7.60 9.65
N GLN B 51 6.27 7.77 10.72
CA GLN B 51 7.49 8.54 10.44
C GLN B 51 8.42 7.89 9.42
N ASN B 52 8.67 6.60 9.52
CA ASN B 52 9.54 5.94 8.51
C ASN B 52 8.99 6.06 7.08
N ARG B 53 7.69 5.88 6.96
CA ARG B 53 7.07 5.92 5.63
C ARG B 53 7.30 7.31 4.95
N ARG B 54 7.15 8.37 5.74
CA ARG B 54 7.46 9.71 5.23
C ARG B 54 8.93 9.81 4.84
N ALA B 55 9.81 9.15 5.58
CA ALA B 55 11.25 9.22 5.15
C ALA B 55 11.57 8.44 3.88
N LYS B 56 10.87 7.34 3.75
CA LYS B 56 10.97 6.55 2.56
C LYS B 56 10.49 7.40 1.41
N GLU B 57 9.38 8.12 1.62
CA GLU B 57 8.84 8.92 0.54
C GLU B 57 9.86 10.01 0.18
N ARG B 58 10.42 10.66 1.20
CA ARG B 58 11.41 11.70 0.82
C ARG B 58 12.59 11.11 0.01
N LYS B 59 13.03 9.96 0.48
CA LYS B 59 14.11 9.24 -0.18
C LYS B 59 13.76 8.84 -1.61
N VAL B 60 12.58 8.30 -1.87
CA VAL B 60 12.13 8.02 -3.27
C VAL B 60 12.01 9.29 -4.11
N ASN B 61 11.53 10.37 -3.49
CA ASN B 61 11.39 11.63 -4.22
C ASN B 61 12.75 12.24 -4.67
N LYS B 62 13.69 12.33 -3.74
CA LYS B 62 15.06 12.71 -4.15
C LYS B 62 15.62 11.93 -5.37
N LYS B 63 15.35 10.65 -5.38
CA LYS B 63 15.79 9.78 -6.46
C LYS B 63 15.01 10.10 -7.74
N THR D 1 -11.09 -10.18 -21.88
CA THR D 1 -12.10 -9.96 -20.81
C THR D 1 -11.94 -11.04 -19.72
N LYS D 2 -12.55 -10.77 -18.56
CA LYS D 2 -12.26 -11.44 -17.28
C LYS D 2 -13.51 -11.88 -16.47
N ASP D 3 -14.27 -12.92 -16.80
CA ASP D 3 -15.67 -12.91 -16.29
C ASP D 3 -16.38 -14.01 -15.42
N LYS D 4 -16.55 -13.67 -14.14
CA LYS D 4 -17.57 -14.28 -13.27
C LYS D 4 -17.22 -13.82 -11.82
N TYR D 5 -17.65 -12.68 -11.33
CA TYR D 5 -17.87 -11.40 -12.01
C TYR D 5 -16.89 -10.32 -11.54
N ARG D 6 -16.39 -10.45 -10.29
CA ARG D 6 -15.11 -9.87 -9.88
C ARG D 6 -14.39 -10.68 -8.80
N VAL D 7 -13.09 -10.77 -8.93
CA VAL D 7 -12.19 -11.49 -8.02
C VAL D 7 -11.74 -10.56 -6.90
N VAL D 8 -11.40 -11.11 -5.74
CA VAL D 8 -10.74 -10.32 -4.66
C VAL D 8 -9.26 -10.59 -4.76
N TYR D 9 -8.45 -9.56 -4.77
CA TYR D 9 -7.01 -9.79 -4.88
C TYR D 9 -6.46 -10.01 -3.50
N THR D 10 -5.49 -10.92 -3.40
CA THR D 10 -4.86 -11.25 -2.12
C THR D 10 -4.10 -10.06 -1.54
N ASP D 11 -4.04 -9.98 -0.24
CA ASP D 11 -3.26 -8.97 0.46
C ASP D 11 -1.82 -8.82 -0.09
N HIS D 12 -1.19 -9.93 -0.45
CA HIS D 12 0.13 -9.90 -1.11
C HIS D 12 0.08 -9.26 -2.49
N GLN D 13 -0.89 -9.66 -3.26
CA GLN D 13 -1.02 -9.08 -4.59
C GLN D 13 -1.22 -7.59 -4.48
N ARG D 14 -2.11 -7.17 -3.61
CA ARG D 14 -2.27 -5.71 -3.42
C ARG D 14 -0.98 -5.02 -2.98
N LEU D 15 -0.24 -5.64 -2.07
CA LEU D 15 0.96 -5.01 -1.53
C LEU D 15 1.96 -4.66 -2.61
N GLU D 16 2.31 -5.67 -3.40
CA GLU D 16 3.18 -5.47 -4.57
C GLU D 16 2.70 -4.36 -5.50
N LEU D 17 1.40 -4.36 -5.78
CA LEU D 17 0.83 -3.34 -6.65
C LEU D 17 0.96 -1.97 -6.04
N GLU D 18 0.61 -1.81 -4.77
CA GLU D 18 0.90 -0.51 -4.09
C GLU D 18 2.36 -0.08 -4.14
N LYS D 19 3.26 -1.03 -3.91
CA LYS D 19 4.70 -0.73 -3.94
C LYS D 19 5.11 -0.19 -5.30
N GLU D 20 4.82 -0.99 -6.29
CA GLU D 20 5.02 -0.60 -7.68
C GLU D 20 4.39 0.78 -8.03
N PHE D 21 3.18 0.99 -7.53
CA PHE D 21 2.52 2.27 -7.74
C PHE D 21 3.34 3.38 -7.14
N HIS D 22 3.91 3.16 -5.96
CA HIS D 22 4.78 4.19 -5.36
C HIS D 22 6.04 4.37 -6.18
N TYR D 23 6.56 3.28 -6.74
CA TYR D 23 7.71 3.41 -7.66
C TYR D 23 7.33 4.32 -8.86
N SER D 24 6.20 4.07 -9.52
CA SER D 24 5.73 5.01 -10.57
C SER D 24 4.24 4.91 -10.81
N ARG D 25 3.59 6.05 -11.02
CA ARG D 25 2.13 6.20 -11.24
C ARG D 25 1.55 5.42 -12.44
N TYR D 26 2.38 5.27 -13.46
CA TYR D 26 2.02 4.74 -14.77
C TYR D 26 3.00 3.65 -15.02
N ILE D 27 2.47 2.49 -15.31
CA ILE D 27 3.30 1.31 -15.39
C ILE D 27 3.67 1.12 -16.85
N THR D 28 4.86 0.57 -17.08
CA THR D 28 5.39 0.39 -18.42
C THR D 28 4.92 -0.91 -18.88
N ILE D 29 4.94 -1.09 -20.18
CA ILE D 29 4.49 -2.37 -20.74
C ILE D 29 5.42 -3.50 -20.26
N ARG D 30 6.70 -3.21 -20.11
CA ARG D 30 7.65 -4.19 -19.55
C ARG D 30 7.26 -4.54 -18.12
N ARG D 31 7.27 -3.54 -17.25
CA ARG D 31 6.91 -3.74 -15.83
C ARG D 31 5.60 -4.48 -15.68
N LYS D 32 4.58 -4.01 -16.41
CA LYS D 32 3.26 -4.64 -16.41
C LYS D 32 3.42 -6.14 -16.58
N SER D 33 4.21 -6.50 -17.58
CA SER D 33 4.39 -7.92 -17.87
C SER D 33 5.15 -8.67 -16.71
N GLU D 34 6.15 -8.02 -16.10
CA GLU D 34 6.86 -8.60 -14.92
C GLU D 34 5.83 -8.87 -13.82
N LEU D 35 5.28 -7.77 -13.33
CA LEU D 35 4.27 -7.80 -12.28
C LEU D 35 3.19 -8.80 -12.50
N ALA D 36 2.57 -8.81 -13.68
CA ALA D 36 1.48 -9.83 -13.88
C ALA D 36 2.01 -11.24 -13.60
N ALA D 37 3.18 -11.50 -14.19
CA ALA D 37 3.76 -12.83 -14.13
C ALA D 37 4.11 -13.18 -12.69
N ASN D 38 4.70 -12.26 -11.95
CA ASN D 38 5.05 -12.57 -10.56
C ASN D 38 3.81 -12.61 -9.67
N LEU D 39 2.74 -11.92 -10.02
CA LEU D 39 1.60 -11.84 -9.09
C LEU D 39 0.48 -12.77 -9.38
N GLY D 40 0.48 -13.42 -10.53
CA GLY D 40 -0.57 -14.38 -10.86
C GLY D 40 -1.85 -13.62 -11.17
N LEU D 41 -1.73 -12.63 -12.03
CA LEU D 41 -2.86 -11.90 -12.58
C LEU D 41 -2.52 -11.74 -14.02
N THR D 42 -3.48 -11.26 -14.77
CA THR D 42 -3.21 -10.88 -16.13
C THR D 42 -2.72 -9.42 -16.34
N GLU D 43 -2.03 -9.23 -17.44
CA GLU D 43 -1.52 -7.96 -17.84
C GLU D 43 -2.66 -6.96 -17.85
N ARG D 44 -3.80 -7.42 -18.34
CA ARG D 44 -4.97 -6.54 -18.43
C ARG D 44 -5.44 -6.15 -17.05
N GLN D 45 -5.47 -7.13 -16.17
CA GLN D 45 -5.89 -6.85 -14.79
C GLN D 45 -4.94 -5.83 -14.15
N VAL D 46 -3.67 -6.00 -14.40
CA VAL D 46 -2.73 -5.08 -13.83
C VAL D 46 -2.95 -3.72 -14.43
N LYS D 47 -3.14 -3.64 -15.74
CA LYS D 47 -3.46 -2.34 -16.36
C LYS D 47 -4.60 -1.64 -15.68
N ILE D 48 -5.67 -2.41 -15.60
CA ILE D 48 -6.94 -1.92 -15.11
C ILE D 48 -6.79 -1.47 -13.69
N TRP D 49 -6.07 -2.25 -12.91
CA TRP D 49 -5.99 -1.93 -11.46
C TRP D 49 -5.32 -0.57 -11.30
N PHE D 50 -4.29 -0.35 -12.13
CA PHE D 50 -3.59 0.92 -12.10
C PHE D 50 -4.50 2.02 -12.56
N GLN D 51 -5.29 1.75 -13.58
CA GLN D 51 -6.27 2.81 -13.88
C GLN D 51 -7.23 3.09 -12.73
N ASN D 52 -7.80 2.07 -12.11
CA ASN D 52 -8.70 2.34 -10.96
C ASN D 52 -8.02 3.10 -9.81
N ARG D 53 -6.80 2.70 -9.52
CA ARG D 53 -6.08 3.33 -8.40
C ARG D 53 -5.90 4.86 -8.65
N ARG D 54 -5.56 5.21 -9.89
CA ARG D 54 -5.49 6.63 -10.24
C ARG D 54 -6.85 7.30 -10.08
N ALA D 55 -7.92 6.58 -10.38
CA ALA D 55 -9.26 7.26 -10.16
C ALA D 55 -9.64 7.46 -8.69
N LYS D 56 -9.22 6.47 -7.91
CA LYS D 56 -9.41 6.55 -6.50
C LYS D 56 -8.62 7.74 -6.01
N GLU D 57 -7.39 7.90 -6.52
CA GLU D 57 -6.56 8.99 -6.04
C GLU D 57 -7.24 10.32 -6.44
N ARG D 58 -7.70 10.40 -7.68
CA ARG D 58 -8.36 11.69 -8.03
C ARG D 58 -9.55 12.01 -7.11
N LYS D 59 -10.32 10.96 -6.86
CA LYS D 59 -11.48 11.05 -5.98
C LYS D 59 -11.08 11.47 -4.56
N VAL D 60 -10.07 10.86 -3.97
CA VAL D 60 -9.58 11.32 -2.63
C VAL D 60 -9.04 12.75 -2.65
N ASN D 61 -8.36 13.11 -3.74
CA ASN D 61 -7.81 14.47 -3.86
C ASN D 61 -8.90 15.57 -3.93
N LYS D 62 -9.87 15.37 -4.81
CA LYS D 62 -11.02 16.31 -4.82
C LYS D 62 -11.65 16.56 -3.44
#